data_6HNE
#
_entry.id   6HNE
#
_cell.length_a   1.000
_cell.length_b   1.000
_cell.length_c   1.000
_cell.angle_alpha   90.00
_cell.angle_beta   90.00
_cell.angle_gamma   90.00
#
_symmetry.space_group_name_H-M   'P 1'
#
_entity_poly.entity_id   1
_entity_poly.type   'polypeptide(L)'
_entity_poly.pdbx_seq_one_letter_code
;GLFDIVKKVLKLLK(NH2)
;
_entity_poly.pdbx_strand_id   A
#
# COMPACT_ATOMS: atom_id res chain seq x y z
N GLY A 1 -2.92 8.17 -7.47
CA GLY A 1 -3.02 8.62 -6.08
C GLY A 1 -2.18 7.75 -5.15
N LEU A 2 -1.55 8.37 -4.15
CA LEU A 2 -0.68 7.66 -3.21
C LEU A 2 -1.46 6.63 -2.40
N PHE A 3 -2.76 6.83 -2.22
CA PHE A 3 -3.58 5.89 -1.47
C PHE A 3 -3.69 4.48 -2.06
N ASP A 4 -3.38 4.35 -3.36
CA ASP A 4 -3.31 3.06 -4.02
C ASP A 4 -1.91 2.45 -3.96
N ILE A 5 -0.90 3.30 -3.75
CA ILE A 5 0.48 2.86 -3.62
C ILE A 5 0.73 2.38 -2.20
N VAL A 6 0.13 3.05 -1.21
CA VAL A 6 0.25 2.62 0.19
C VAL A 6 -0.45 1.28 0.33
N LYS A 7 -1.47 1.01 -0.50
CA LYS A 7 -2.21 -0.24 -0.43
C LYS A 7 -1.35 -1.40 -0.90
N LYS A 8 -0.37 -1.12 -1.76
CA LYS A 8 0.58 -2.14 -2.21
C LYS A 8 1.59 -2.41 -1.10
N VAL A 9 1.90 -1.41 -0.27
CA VAL A 9 2.89 -1.56 0.79
C VAL A 9 2.29 -2.19 2.03
N LEU A 10 1.06 -1.82 2.40
CA LEU A 10 0.44 -2.41 3.58
C LEU A 10 0.18 -3.90 3.36
N LYS A 11 0.02 -4.31 2.09
CA LYS A 11 -0.17 -5.70 1.75
C LYS A 11 1.12 -6.50 1.94
N LEU A 12 2.27 -5.82 1.91
CA LEU A 12 3.57 -6.44 2.11
C LEU A 12 3.99 -6.35 3.57
N LEU A 13 3.59 -5.28 4.27
CA LEU A 13 3.90 -5.09 5.68
C LEU A 13 3.06 -6.00 6.57
N LYS A 14 1.85 -6.37 6.14
CA LYS A 14 1.00 -7.26 6.91
C LYS A 14 0.04 -8.05 6.03
N GLY A 1 -3.39 8.36 -7.39
CA GLY A 1 -3.49 8.69 -5.95
C GLY A 1 -2.52 7.85 -5.14
N LEU A 2 -1.91 8.46 -4.11
CA LEU A 2 -0.93 7.78 -3.28
C LEU A 2 -1.55 6.65 -2.47
N PHE A 3 -2.87 6.71 -2.23
CA PHE A 3 -3.53 5.66 -1.49
C PHE A 3 -3.46 4.27 -2.12
N ASP A 4 -3.36 4.21 -3.46
CA ASP A 4 -3.17 2.95 -4.16
C ASP A 4 -1.74 2.43 -4.03
N ILE A 5 -0.79 3.32 -3.72
CA ILE A 5 0.60 2.95 -3.51
C ILE A 5 0.81 2.51 -2.06
N VAL A 6 0.10 3.12 -1.11
CA VAL A 6 0.18 2.72 0.29
C VAL A 6 -0.44 1.34 0.44
N LYS A 7 -1.48 1.03 -0.33
CA LYS A 7 -2.12 -0.27 -0.25
C LYS A 7 -1.23 -1.38 -0.77
N LYS A 8 -0.36 -1.06 -1.75
CA LYS A 8 0.60 -2.01 -2.28
C LYS A 8 1.66 -2.35 -1.23
N VAL A 9 1.94 -1.43 -0.30
CA VAL A 9 2.95 -1.63 0.73
C VAL A 9 2.36 -2.27 1.98
N LEU A 10 1.18 -1.85 2.42
CA LEU A 10 0.59 -2.42 3.62
C LEU A 10 0.24 -3.89 3.37
N LYS A 11 -0.02 -4.25 2.10
CA LYS A 11 -0.30 -5.63 1.72
C LYS A 11 0.95 -6.49 1.87
N LEU A 12 2.13 -5.86 1.89
CA LEU A 12 3.40 -6.56 2.04
C LEU A 12 3.90 -6.49 3.48
N LEU A 13 3.60 -5.40 4.19
CA LEU A 13 3.98 -5.23 5.58
C LEU A 13 3.11 -6.07 6.52
N LYS A 14 1.84 -6.26 6.17
CA LYS A 14 0.94 -7.06 6.99
C LYS A 14 -0.13 -7.78 6.15
N GLY A 1 -4.53 8.35 -6.99
CA GLY A 1 -4.26 8.70 -5.58
C GLY A 1 -3.08 7.94 -5.03
N LEU A 2 -2.28 8.60 -4.18
CA LEU A 2 -1.09 8.01 -3.59
C LEU A 2 -1.47 6.81 -2.71
N PHE A 3 -2.66 6.84 -2.11
CA PHE A 3 -3.11 5.75 -1.25
C PHE A 3 -3.18 4.38 -1.91
N ASP A 4 -3.31 4.36 -3.25
CA ASP A 4 -3.25 3.11 -4.00
C ASP A 4 -1.86 2.48 -4.03
N ILE A 5 -0.83 3.28 -3.74
CA ILE A 5 0.53 2.77 -3.60
C ILE A 5 0.74 2.29 -2.17
N VAL A 6 0.20 3.01 -1.19
CA VAL A 6 0.29 2.57 0.20
C VAL A 6 -0.44 1.24 0.35
N LYS A 7 -1.48 1.02 -0.46
CA LYS A 7 -2.22 -0.24 -0.46
C LYS A 7 -1.37 -1.42 -0.92
N LYS A 8 -0.37 -1.15 -1.76
CA LYS A 8 0.57 -2.17 -2.18
C LYS A 8 1.59 -2.44 -1.08
N VAL A 9 1.90 -1.43 -0.26
CA VAL A 9 2.89 -1.56 0.80
C VAL A 9 2.29 -2.22 2.04
N LEU A 10 1.07 -1.85 2.42
CA LEU A 10 0.45 -2.44 3.60
C LEU A 10 0.14 -3.91 3.36
N LYS A 11 0.01 -4.32 2.09
CA LYS A 11 -0.19 -5.71 1.73
C LYS A 11 1.11 -6.50 1.90
N LEU A 12 2.26 -5.82 1.91
CA LEU A 12 3.56 -6.44 2.13
C LEU A 12 3.95 -6.37 3.60
N LEU A 13 3.57 -5.30 4.29
CA LEU A 13 3.87 -5.14 5.71
C LEU A 13 2.97 -6.02 6.58
N LYS A 14 1.73 -6.26 6.13
CA LYS A 14 0.77 -7.08 6.86
C LYS A 14 0.31 -8.28 6.03
N GLY A 1 -2.54 8.14 -7.54
CA GLY A 1 -2.69 8.64 -6.17
C GLY A 1 -1.93 7.75 -5.18
N LEU A 2 -1.31 8.36 -4.18
CA LEU A 2 -0.51 7.63 -3.19
C LEU A 2 -1.39 6.68 -2.39
N PHE A 3 -2.68 6.98 -2.24
CA PHE A 3 -3.58 6.11 -1.51
C PHE A 3 -3.79 4.72 -2.08
N ASP A 4 -3.38 4.50 -3.33
CA ASP A 4 -3.37 3.19 -3.96
C ASP A 4 -1.98 2.53 -3.97
N ILE A 5 -0.95 3.33 -3.71
CA ILE A 5 0.41 2.80 -3.59
C ILE A 5 0.62 2.29 -2.16
N VAL A 6 0.03 2.96 -1.17
CA VAL A 6 0.12 2.53 0.22
C VAL A 6 -0.58 1.16 0.34
N LYS A 7 -1.58 0.89 -0.51
CA LYS A 7 -2.26 -0.40 -0.50
C LYS A 7 -1.33 -1.53 -0.92
N LYS A 8 -0.39 -1.25 -1.82
CA LYS A 8 0.62 -2.22 -2.23
C LYS A 8 1.64 -2.43 -1.12
N VAL A 9 1.86 -1.43 -0.27
CA VAL A 9 2.83 -1.52 0.81
C VAL A 9 2.25 -2.21 2.03
N LEU A 10 1.01 -1.88 2.41
CA LEU A 10 0.39 -2.52 3.58
C LEU A 10 0.16 -4.00 3.32
N LYS A 11 0.04 -4.38 2.04
CA LYS A 11 -0.10 -5.78 1.65
C LYS A 11 1.21 -6.54 1.87
N LEU A 12 2.33 -5.81 1.91
CA LEU A 12 3.64 -6.40 2.14
C LEU A 12 4.04 -6.28 3.62
N LEU A 13 3.62 -5.21 4.29
CA LEU A 13 3.93 -5.01 5.70
C LEU A 13 3.07 -5.91 6.61
N LYS A 14 1.87 -6.27 6.16
CA LYS A 14 0.98 -7.13 6.94
C LYS A 14 0.16 -8.07 6.06
N GLY A 1 -2.50 8.10 -7.59
CA GLY A 1 -2.65 8.61 -6.22
C GLY A 1 -1.90 7.73 -5.22
N LEU A 2 -1.30 8.36 -4.20
CA LEU A 2 -0.52 7.64 -3.20
C LEU A 2 -1.40 6.68 -2.40
N PHE A 3 -2.69 6.97 -2.27
CA PHE A 3 -3.59 6.12 -1.53
C PHE A 3 -3.79 4.71 -2.09
N ASP A 4 -3.38 4.49 -3.34
CA ASP A 4 -3.38 3.16 -3.95
C ASP A 4 -1.99 2.52 -3.97
N ILE A 5 -0.96 3.31 -3.71
CA ILE A 5 0.39 2.80 -3.58
C ILE A 5 0.63 2.30 -2.16
N VAL A 6 0.01 2.96 -1.17
CA VAL A 6 0.11 2.53 0.22
C VAL A 6 -0.57 1.17 0.35
N LYS A 7 -1.57 0.88 -0.49
CA LYS A 7 -2.25 -0.40 -0.48
C LYS A 7 -1.32 -1.53 -0.90
N LYS A 8 -0.38 -1.24 -1.81
CA LYS A 8 0.62 -2.21 -2.22
C LYS A 8 1.65 -2.43 -1.12
N VAL A 9 1.87 -1.42 -0.27
CA VAL A 9 2.85 -1.52 0.81
C VAL A 9 2.27 -2.19 2.04
N LEU A 10 1.03 -1.88 2.42
CA LEU A 10 0.43 -2.49 3.59
C LEU A 10 0.18 -3.97 3.33
N LYS A 11 0.05 -4.36 2.06
CA LYS A 11 -0.10 -5.75 1.67
C LYS A 11 1.21 -6.52 1.89
N LEU A 12 2.35 -5.80 1.90
CA LEU A 12 3.65 -6.39 2.12
C LEU A 12 4.05 -6.29 3.60
N LEU A 13 3.62 -5.23 4.29
CA LEU A 13 3.91 -5.04 5.70
C LEU A 13 3.06 -5.95 6.59
N LYS A 14 1.84 -6.29 6.15
CA LYS A 14 0.96 -7.15 6.92
C LYS A 14 0.11 -8.06 6.04
N GLY A 1 -3.06 8.62 -7.33
CA GLY A 1 -3.19 8.88 -5.89
C GLY A 1 -2.28 7.96 -5.09
N LEU A 2 -1.62 8.51 -4.07
CA LEU A 2 -0.70 7.76 -3.23
C LEU A 2 -1.41 6.66 -2.46
N PHE A 3 -2.73 6.80 -2.24
CA PHE A 3 -3.46 5.78 -1.52
C PHE A 3 -3.50 4.40 -2.17
N ASP A 4 -3.34 4.36 -3.50
CA ASP A 4 -3.23 3.10 -4.23
C ASP A 4 -1.83 2.49 -4.13
N ILE A 5 -0.84 3.31 -3.77
CA ILE A 5 0.53 2.84 -3.58
C ILE A 5 0.71 2.35 -2.14
N VAL A 6 0.09 3.03 -1.17
CA VAL A 6 0.18 2.61 0.23
C VAL A 6 -0.53 1.27 0.39
N LYS A 7 -1.58 1.02 -0.40
CA LYS A 7 -2.29 -0.25 -0.34
C LYS A 7 -1.43 -1.42 -0.80
N LYS A 8 -0.48 -1.15 -1.70
CA LYS A 8 0.46 -2.17 -2.14
C LYS A 8 1.52 -2.42 -1.05
N VAL A 9 1.82 -1.41 -0.24
CA VAL A 9 2.85 -1.54 0.80
C VAL A 9 2.28 -2.19 2.05
N LEU A 10 1.06 -1.82 2.47
CA LEU A 10 0.46 -2.42 3.66
C LEU A 10 0.16 -3.90 3.41
N LYS A 11 0.01 -4.28 2.13
CA LYS A 11 -0.21 -5.67 1.75
C LYS A 11 1.09 -6.47 1.90
N LEU A 12 2.24 -5.79 1.91
CA LEU A 12 3.54 -6.43 2.07
C LEU A 12 4.00 -6.35 3.53
N LEU A 13 3.62 -5.28 4.24
CA LEU A 13 3.96 -5.12 5.65
C LEU A 13 3.09 -5.98 6.55
N LYS A 14 1.88 -6.35 6.08
CA LYS A 14 0.94 -7.15 6.86
C LYS A 14 0.37 -8.30 6.03
N GLY A 1 -4.35 9.42 -6.36
CA GLY A 1 -3.81 9.58 -5.00
C GLY A 1 -2.83 8.46 -4.68
N LEU A 2 -1.85 8.73 -3.82
CA LEU A 2 -0.84 7.77 -3.44
C LEU A 2 -1.41 6.66 -2.55
N PHE A 3 -2.66 6.76 -2.11
CA PHE A 3 -3.23 5.73 -1.26
C PHE A 3 -3.30 4.36 -1.93
N ASP A 4 -3.42 4.33 -3.26
CA ASP A 4 -3.35 3.09 -4.03
C ASP A 4 -1.96 2.49 -4.09
N ILE A 5 -0.93 3.28 -3.76
CA ILE A 5 0.43 2.79 -3.64
C ILE A 5 0.68 2.34 -2.21
N VAL A 6 0.09 3.02 -1.23
CA VAL A 6 0.19 2.61 0.16
C VAL A 6 -0.46 1.24 0.31
N LYS A 7 -1.49 0.97 -0.49
CA LYS A 7 -2.19 -0.30 -0.48
C LYS A 7 -1.30 -1.45 -0.96
N LYS A 8 -0.34 -1.15 -1.84
CA LYS A 8 0.63 -2.15 -2.30
C LYS A 8 1.69 -2.39 -1.24
N VAL A 9 1.90 -1.45 -0.33
CA VAL A 9 2.89 -1.59 0.74
C VAL A 9 2.29 -2.22 1.99
N LEU A 10 1.07 -1.85 2.37
CA LEU A 10 0.46 -2.41 3.57
C LEU A 10 0.17 -3.89 3.35
N LYS A 11 0.02 -4.30 2.08
CA LYS A 11 -0.18 -5.70 1.74
C LYS A 11 1.11 -6.50 1.92
N LEU A 12 2.26 -5.82 1.93
CA LEU A 12 3.55 -6.45 2.16
C LEU A 12 3.94 -6.36 3.63
N LEU A 13 3.56 -5.28 4.32
CA LEU A 13 3.85 -5.11 5.73
C LEU A 13 2.95 -5.98 6.60
N LYS A 14 1.67 -6.13 6.20
CA LYS A 14 0.73 -6.99 6.92
C LYS A 14 0.44 -8.27 6.14
N GLY A 1 -2.76 8.47 -7.42
CA GLY A 1 -2.90 8.84 -6.00
C GLY A 1 -2.07 7.91 -5.13
N LEU A 2 -1.44 8.48 -4.09
CA LEU A 2 -0.58 7.72 -3.19
C LEU A 2 -1.38 6.66 -2.42
N PHE A 3 -2.68 6.88 -2.24
CA PHE A 3 -3.51 5.93 -1.53
C PHE A 3 -3.61 4.54 -2.14
N ASP A 4 -3.37 4.44 -3.46
CA ASP A 4 -3.29 3.16 -4.14
C ASP A 4 -1.92 2.51 -4.04
N ILE A 5 -0.89 3.31 -3.74
CA ILE A 5 0.46 2.81 -3.55
C ILE A 5 0.63 2.31 -2.12
N VAL A 6 0.05 2.99 -1.14
CA VAL A 6 0.13 2.56 0.25
C VAL A 6 -0.58 1.21 0.39
N LYS A 7 -1.61 0.96 -0.43
CA LYS A 7 -2.30 -0.32 -0.41
C LYS A 7 -1.42 -1.47 -0.89
N LYS A 8 -0.47 -1.18 -1.79
CA LYS A 8 0.50 -2.16 -2.24
C LYS A 8 1.58 -2.39 -1.19
N VAL A 9 1.80 -1.43 -0.29
CA VAL A 9 2.81 -1.55 0.75
C VAL A 9 2.25 -2.22 2.01
N LEU A 10 1.02 -1.87 2.42
CA LEU A 10 0.45 -2.48 3.61
C LEU A 10 0.18 -3.97 3.35
N LYS A 11 0.03 -4.35 2.09
CA LYS A 11 -0.12 -5.74 1.71
C LYS A 11 1.18 -6.52 1.91
N LEU A 12 2.31 -5.81 1.93
CA LEU A 12 3.62 -6.41 2.15
C LEU A 12 4.03 -6.31 3.61
N LEU A 13 3.62 -5.23 4.29
CA LEU A 13 3.93 -5.04 5.70
C LEU A 13 3.10 -5.96 6.60
N LYS A 14 1.90 -6.33 6.16
CA LYS A 14 1.06 -7.23 6.93
C LYS A 14 0.15 -8.08 6.04
N GLY A 1 -2.87 8.07 -7.53
CA GLY A 1 -2.91 8.60 -6.16
C GLY A 1 -2.10 7.74 -5.21
N LEU A 2 -1.42 8.36 -4.25
CA LEU A 2 -0.58 7.64 -3.30
C LEU A 2 -1.41 6.69 -2.44
N PHE A 3 -2.69 6.97 -2.24
CA PHE A 3 -3.55 6.12 -1.44
C PHE A 3 -3.76 4.69 -1.96
N ASP A 4 -3.42 4.46 -3.23
CA ASP A 4 -3.43 3.13 -3.83
C ASP A 4 -2.04 2.51 -3.92
N ILE A 5 -1.00 3.31 -3.69
CA ILE A 5 0.37 2.81 -3.60
C ILE A 5 0.65 2.35 -2.17
N VAL A 6 0.03 3.00 -1.19
CA VAL A 6 0.14 2.57 0.20
C VAL A 6 -0.50 1.20 0.33
N LYS A 7 -1.49 0.88 -0.52
CA LYS A 7 -2.12 -0.42 -0.51
C LYS A 7 -1.13 -1.51 -0.93
N LYS A 8 -0.27 -1.21 -1.89
CA LYS A 8 0.76 -2.14 -2.34
C LYS A 8 1.81 -2.36 -1.26
N VAL A 9 1.92 -1.43 -0.31
CA VAL A 9 2.87 -1.56 0.79
C VAL A 9 2.25 -2.22 2.02
N LEU A 10 0.99 -1.89 2.35
CA LEU A 10 0.37 -2.47 3.54
C LEU A 10 0.10 -3.95 3.33
N LYS A 11 -0.08 -4.38 2.07
CA LYS A 11 -0.23 -5.79 1.74
C LYS A 11 1.10 -6.55 1.82
N LEU A 12 2.20 -5.83 2.03
CA LEU A 12 3.52 -6.43 2.20
C LEU A 12 3.98 -6.32 3.66
N LEU A 13 3.60 -5.23 4.33
CA LEU A 13 3.92 -5.04 5.75
C LEU A 13 3.03 -5.92 6.62
N LYS A 14 1.82 -6.22 6.15
CA LYS A 14 0.86 -7.05 6.88
C LYS A 14 0.46 -8.28 6.07
N GLY A 1 -3.45 7.91 -7.60
CA GLY A 1 -3.59 8.34 -6.20
C GLY A 1 -2.60 7.61 -5.30
N LEU A 2 -2.01 8.32 -4.34
CA LEU A 2 -1.02 7.75 -3.44
C LEU A 2 -1.62 6.67 -2.54
N PHE A 3 -2.92 6.72 -2.30
CA PHE A 3 -3.57 5.71 -1.48
C PHE A 3 -3.46 4.28 -2.00
N ASP A 4 -3.39 4.12 -3.32
CA ASP A 4 -3.16 2.82 -3.93
C ASP A 4 -1.70 2.36 -3.86
N ILE A 5 -0.79 3.32 -3.66
CA ILE A 5 0.63 3.02 -3.51
C ILE A 5 0.90 2.62 -2.06
N VAL A 6 0.18 3.19 -1.10
CA VAL A 6 0.29 2.77 0.29
C VAL A 6 -0.33 1.39 0.43
N LYS A 7 -1.39 1.11 -0.32
CA LYS A 7 -2.04 -0.19 -0.30
C LYS A 7 -1.13 -1.29 -0.82
N LYS A 8 -0.28 -0.97 -1.80
CA LYS A 8 0.66 -1.92 -2.36
C LYS A 8 1.71 -2.31 -1.31
N VAL A 9 1.96 -1.43 -0.33
CA VAL A 9 2.95 -1.71 0.71
C VAL A 9 2.34 -2.29 1.98
N LEU A 10 1.14 -1.85 2.38
CA LEU A 10 0.54 -2.39 3.59
C LEU A 10 0.14 -3.84 3.38
N LYS A 11 -0.13 -4.24 2.13
CA LYS A 11 -0.41 -5.63 1.80
C LYS A 11 0.85 -6.49 1.82
N LEU A 12 2.02 -5.88 2.01
CA LEU A 12 3.28 -6.60 2.11
C LEU A 12 3.84 -6.51 3.53
N LEU A 13 3.58 -5.39 4.23
CA LEU A 13 3.98 -5.23 5.61
C LEU A 13 3.07 -6.02 6.55
N LYS A 14 1.84 -6.30 6.12
CA LYS A 14 0.88 -7.05 6.90
C LYS A 14 0.21 -8.16 6.07
N GLY A 1 -2.87 8.26 -7.42
CA GLY A 1 -2.96 8.70 -6.02
C GLY A 1 -2.12 7.80 -5.12
N LEU A 2 -1.48 8.40 -4.10
CA LEU A 2 -0.62 7.66 -3.18
C LEU A 2 -1.40 6.63 -2.38
N PHE A 3 -2.70 6.84 -2.19
CA PHE A 3 -3.53 5.90 -1.45
C PHE A 3 -3.65 4.51 -2.07
N ASP A 4 -3.35 4.39 -3.36
CA ASP A 4 -3.30 3.10 -4.04
C ASP A 4 -1.91 2.48 -4.01
N ILE A 5 -0.88 3.31 -3.77
CA ILE A 5 0.49 2.83 -3.63
C ILE A 5 0.72 2.32 -2.22
N VAL A 6 0.16 3.01 -1.21
CA VAL A 6 0.26 2.56 0.17
C VAL A 6 -0.50 1.25 0.31
N LYS A 7 -1.51 1.03 -0.53
CA LYS A 7 -2.30 -0.19 -0.47
C LYS A 7 -1.47 -1.39 -0.91
N LYS A 8 -0.45 -1.15 -1.75
CA LYS A 8 0.48 -2.21 -2.15
C LYS A 8 1.50 -2.45 -1.04
N VAL A 9 1.83 -1.42 -0.26
CA VAL A 9 2.82 -1.53 0.81
C VAL A 9 2.23 -2.20 2.04
N LEU A 10 0.99 -1.85 2.40
CA LEU A 10 0.37 -2.45 3.58
C LEU A 10 0.13 -3.93 3.34
N LYS A 11 0.03 -4.34 2.07
CA LYS A 11 -0.14 -5.74 1.70
C LYS A 11 1.17 -6.51 1.89
N LEU A 12 2.30 -5.79 1.92
CA LEU A 12 3.61 -6.39 2.14
C LEU A 12 4.02 -6.29 3.61
N LEU A 13 3.61 -5.22 4.29
CA LEU A 13 3.90 -5.03 5.71
C LEU A 13 3.05 -5.92 6.59
N LYS A 14 1.86 -6.30 6.11
CA LYS A 14 0.93 -7.14 6.86
C LYS A 14 0.39 -8.29 6.02
N GLY A 1 -2.52 8.28 -7.55
CA GLY A 1 -2.70 8.71 -6.16
C GLY A 1 -1.94 7.81 -5.21
N LEU A 2 -1.32 8.40 -4.17
CA LEU A 2 -0.54 7.64 -3.20
C LEU A 2 -1.41 6.67 -2.41
N PHE A 3 -2.71 6.95 -2.29
CA PHE A 3 -3.62 6.08 -1.56
C PHE A 3 -3.81 4.67 -2.14
N ASP A 4 -3.36 4.47 -3.38
CA ASP A 4 -3.34 3.16 -4.00
C ASP A 4 -1.96 2.51 -3.97
N ILE A 5 -0.92 3.31 -3.73
CA ILE A 5 0.44 2.80 -3.59
C ILE A 5 0.64 2.32 -2.15
N VAL A 6 0.03 2.99 -1.18
CA VAL A 6 0.12 2.57 0.23
C VAL A 6 -0.56 1.20 0.37
N LYS A 7 -1.56 0.92 -0.48
CA LYS A 7 -2.25 -0.36 -0.44
C LYS A 7 -1.32 -1.50 -0.87
N LYS A 8 -0.41 -1.22 -1.79
CA LYS A 8 0.59 -2.20 -2.22
C LYS A 8 1.62 -2.43 -1.11
N VAL A 9 1.86 -1.42 -0.26
CA VAL A 9 2.85 -1.52 0.81
C VAL A 9 2.27 -2.20 2.05
N LEU A 10 1.03 -1.86 2.44
CA LEU A 10 0.43 -2.46 3.62
C LEU A 10 0.16 -3.95 3.37
N LYS A 11 0.03 -4.33 2.10
CA LYS A 11 -0.15 -5.73 1.72
C LYS A 11 1.16 -6.51 1.89
N LEU A 12 2.30 -5.81 1.92
CA LEU A 12 3.60 -6.42 2.12
C LEU A 12 4.01 -6.33 3.60
N LEU A 13 3.62 -5.25 4.28
CA LEU A 13 3.93 -5.08 5.69
C LEU A 13 3.06 -5.95 6.59
N LYS A 14 1.85 -6.31 6.12
CA LYS A 14 0.92 -7.12 6.89
C LYS A 14 0.38 -8.28 6.04
N GLY A 1 -2.62 8.05 -7.54
CA GLY A 1 -2.77 8.57 -6.17
C GLY A 1 -2.00 7.71 -5.18
N LEU A 2 -1.38 8.34 -4.18
CA LEU A 2 -0.56 7.63 -3.20
C LEU A 2 -1.42 6.67 -2.37
N PHE A 3 -2.71 6.96 -2.21
CA PHE A 3 -3.60 6.10 -1.46
C PHE A 3 -3.82 4.69 -2.03
N ASP A 4 -3.42 4.50 -3.28
CA ASP A 4 -3.42 3.18 -3.91
C ASP A 4 -2.03 2.53 -3.96
N ILE A 5 -0.99 3.32 -3.68
CA ILE A 5 0.37 2.81 -3.59
C ILE A 5 0.64 2.33 -2.17
N VAL A 6 0.05 3.00 -1.17
CA VAL A 6 0.17 2.56 0.22
C VAL A 6 -0.50 1.19 0.34
N LYS A 7 -1.48 0.90 -0.51
CA LYS A 7 -2.14 -0.40 -0.52
C LYS A 7 -1.19 -1.51 -0.97
N LYS A 8 -0.29 -1.18 -1.89
CA LYS A 8 0.72 -2.14 -2.35
C LYS A 8 1.75 -2.40 -1.26
N VAL A 9 1.90 -1.45 -0.32
CA VAL A 9 2.86 -1.59 0.77
C VAL A 9 2.25 -2.26 2.00
N LEU A 10 1.01 -1.93 2.35
CA LEU A 10 0.38 -2.52 3.52
C LEU A 10 0.12 -4.01 3.29
N LYS A 11 -0.05 -4.42 2.02
CA LYS A 11 -0.19 -5.82 1.67
C LYS A 11 1.13 -6.57 1.74
N LEU A 12 2.23 -5.86 2.06
CA LEU A 12 3.54 -6.46 2.23
C LEU A 12 4.02 -6.30 3.68
N LEU A 13 3.62 -5.21 4.33
CA LEU A 13 3.93 -4.98 5.73
C LEU A 13 3.08 -5.86 6.65
N LYS A 14 1.88 -6.24 6.20
CA LYS A 14 1.01 -7.10 6.98
C LYS A 14 0.16 -8.03 6.11
N GLY A 1 -2.82 8.35 -7.42
CA GLY A 1 -2.96 8.73 -6.01
C GLY A 1 -2.12 7.82 -5.11
N LEU A 2 -1.47 8.41 -4.10
CA LEU A 2 -0.61 7.66 -3.19
C LEU A 2 -1.39 6.63 -2.40
N PHE A 3 -2.68 6.84 -2.20
CA PHE A 3 -3.51 5.91 -1.46
C PHE A 3 -3.66 4.51 -2.07
N ASP A 4 -3.34 4.39 -3.36
CA ASP A 4 -3.30 3.11 -4.04
C ASP A 4 -1.90 2.48 -4.04
N ILE A 5 -0.87 3.30 -3.78
CA ILE A 5 0.49 2.81 -3.65
C ILE A 5 0.72 2.31 -2.23
N VAL A 6 0.17 3.00 -1.23
CA VAL A 6 0.27 2.56 0.16
C VAL A 6 -0.51 1.25 0.31
N LYS A 7 -1.51 1.02 -0.54
CA LYS A 7 -2.32 -0.19 -0.48
C LYS A 7 -1.49 -1.39 -0.92
N LYS A 8 -0.47 -1.17 -1.75
CA LYS A 8 0.46 -2.22 -2.13
C LYS A 8 1.48 -2.45 -1.02
N VAL A 9 1.81 -1.41 -0.25
CA VAL A 9 2.80 -1.51 0.82
C VAL A 9 2.21 -2.17 2.06
N LEU A 10 0.97 -1.83 2.43
CA LEU A 10 0.35 -2.42 3.61
C LEU A 10 0.12 -3.92 3.38
N LYS A 11 0.01 -4.33 2.11
CA LYS A 11 -0.15 -5.73 1.75
C LYS A 11 1.18 -6.48 1.92
N LEU A 12 2.31 -5.77 1.93
CA LEU A 12 3.62 -6.36 2.13
C LEU A 12 4.03 -6.27 3.59
N LEU A 13 3.60 -5.21 4.29
CA LEU A 13 3.89 -5.04 5.71
C LEU A 13 3.04 -5.95 6.58
N LYS A 14 1.86 -6.35 6.11
CA LYS A 14 0.94 -7.21 6.84
C LYS A 14 0.48 -8.40 5.99
N GLY A 1 -2.56 7.98 -7.62
CA GLY A 1 -2.60 8.57 -6.28
C GLY A 1 -1.88 7.71 -5.27
N LEU A 2 -1.27 8.32 -4.26
CA LEU A 2 -0.51 7.61 -3.25
C LEU A 2 -1.39 6.66 -2.45
N PHE A 3 -2.69 6.94 -2.36
CA PHE A 3 -3.61 6.08 -1.63
C PHE A 3 -3.80 4.67 -2.18
N ASP A 4 -3.35 4.45 -3.42
CA ASP A 4 -3.33 3.12 -4.03
C ASP A 4 -1.96 2.48 -3.97
N ILE A 5 -0.92 3.29 -3.72
CA ILE A 5 0.44 2.79 -3.55
C ILE A 5 0.63 2.32 -2.11
N VAL A 6 0.01 3.00 -1.14
CA VAL A 6 0.09 2.60 0.26
C VAL A 6 -0.60 1.24 0.40
N LYS A 7 -1.59 0.95 -0.46
CA LYS A 7 -2.28 -0.34 -0.43
C LYS A 7 -1.36 -1.49 -0.84
N LYS A 8 -0.43 -1.21 -1.75
CA LYS A 8 0.58 -2.18 -2.16
C LYS A 8 1.60 -2.39 -1.03
N VAL A 9 1.84 -1.37 -0.20
CA VAL A 9 2.83 -1.46 0.87
C VAL A 9 2.25 -2.15 2.09
N LEU A 10 1.01 -1.83 2.48
CA LEU A 10 0.41 -2.45 3.65
C LEU A 10 0.18 -3.94 3.38
N LYS A 11 0.03 -4.31 2.11
CA LYS A 11 -0.13 -5.69 1.70
C LYS A 11 1.18 -6.46 1.87
N LEU A 12 2.31 -5.75 1.87
CA LEU A 12 3.62 -6.35 2.06
C LEU A 12 4.05 -6.28 3.52
N LEU A 13 3.61 -5.25 4.25
CA LEU A 13 3.93 -5.12 5.67
C LEU A 13 3.18 -6.13 6.52
N LYS A 14 1.92 -6.42 6.16
CA LYS A 14 1.14 -7.41 6.90
C LYS A 14 0.06 -8.08 6.04
N GLY A 1 -2.55 7.99 -7.59
CA GLY A 1 -2.69 8.53 -6.23
C GLY A 1 -1.93 7.69 -5.23
N LEU A 2 -1.34 8.33 -4.21
CA LEU A 2 -0.56 7.64 -3.19
C LEU A 2 -1.42 6.68 -2.38
N PHE A 3 -2.72 6.96 -2.27
CA PHE A 3 -3.62 6.09 -1.52
C PHE A 3 -3.80 4.68 -2.09
N ASP A 4 -3.38 4.47 -3.33
CA ASP A 4 -3.35 3.14 -3.95
C ASP A 4 -1.97 2.51 -3.92
N ILE A 5 -0.93 3.32 -3.69
CA ILE A 5 0.43 2.83 -3.56
C ILE A 5 0.66 2.36 -2.14
N VAL A 6 0.04 3.01 -1.15
CA VAL A 6 0.14 2.59 0.24
C VAL A 6 -0.52 1.21 0.37
N LYS A 7 -1.51 0.92 -0.47
CA LYS A 7 -2.18 -0.37 -0.45
C LYS A 7 -1.24 -1.50 -0.91
N LYS A 8 -0.36 -1.20 -1.85
CA LYS A 8 0.64 -2.17 -2.31
C LYS A 8 1.71 -2.40 -1.24
N VAL A 9 1.86 -1.46 -0.31
CA VAL A 9 2.84 -1.59 0.77
C VAL A 9 2.23 -2.25 2.01
N LEU A 10 0.99 -1.91 2.36
CA LEU A 10 0.38 -2.49 3.56
C LEU A 10 0.11 -3.98 3.33
N LYS A 11 -0.06 -4.40 2.07
CA LYS A 11 -0.22 -5.80 1.73
C LYS A 11 1.11 -6.55 1.80
N LEU A 12 2.21 -5.84 2.04
CA LEU A 12 3.54 -6.44 2.20
C LEU A 12 4.01 -6.30 3.64
N LEU A 13 3.63 -5.21 4.32
CA LEU A 13 3.95 -5.00 5.72
C LEU A 13 3.08 -5.87 6.62
N LYS A 14 1.89 -6.24 6.14
CA LYS A 14 0.95 -7.07 6.89
C LYS A 14 0.39 -8.21 6.02
N GLY A 1 -2.68 7.82 -7.60
CA GLY A 1 -2.75 8.45 -6.27
C GLY A 1 -1.98 7.62 -5.25
N LEU A 2 -1.42 8.30 -4.24
CA LEU A 2 -0.62 7.63 -3.21
C LEU A 2 -1.46 6.66 -2.40
N PHE A 3 -2.77 6.90 -2.31
CA PHE A 3 -3.67 6.02 -1.57
C PHE A 3 -3.86 4.61 -2.13
N ASP A 4 -3.33 4.36 -3.34
CA ASP A 4 -3.35 3.05 -3.95
C ASP A 4 -1.93 2.46 -3.85
N ILE A 5 -0.93 3.31 -3.69
CA ILE A 5 0.45 2.86 -3.54
C ILE A 5 0.69 2.40 -2.11
N VAL A 6 0.03 3.04 -1.12
CA VAL A 6 0.15 2.63 0.27
C VAL A 6 -0.49 1.25 0.41
N LYS A 7 -1.51 0.95 -0.41
CA LYS A 7 -2.16 -0.35 -0.38
C LYS A 7 -1.24 -1.46 -0.85
N LYS A 8 -0.35 -1.15 -1.81
CA LYS A 8 0.63 -2.09 -2.30
C LYS A 8 1.69 -2.37 -1.23
N VAL A 9 1.91 -1.43 -0.31
CA VAL A 9 2.91 -1.59 0.74
C VAL A 9 2.32 -2.25 1.98
N LEU A 10 1.10 -1.88 2.39
CA LEU A 10 0.50 -2.49 3.57
C LEU A 10 0.20 -3.96 3.32
N LYS A 11 0.02 -4.33 2.05
CA LYS A 11 -0.18 -5.72 1.66
C LYS A 11 1.10 -6.53 1.85
N LEU A 12 2.25 -5.85 1.91
CA LEU A 12 3.54 -6.49 2.13
C LEU A 12 3.97 -6.39 3.59
N LEU A 13 3.61 -5.30 4.27
CA LEU A 13 3.94 -5.11 5.67
C LEU A 13 3.06 -5.96 6.59
N LYS A 14 1.83 -6.26 6.16
CA LYS A 14 0.92 -7.07 6.95
C LYS A 14 0.05 -7.99 6.07
N GLY A 1 -2.63 7.95 -7.60
CA GLY A 1 -2.75 8.50 -6.25
C GLY A 1 -1.97 7.67 -5.25
N LEU A 2 -1.38 8.31 -4.24
CA LEU A 2 -0.58 7.63 -3.23
C LEU A 2 -1.43 6.67 -2.42
N PHE A 3 -2.73 6.91 -2.31
CA PHE A 3 -3.62 6.04 -1.56
C PHE A 3 -3.79 4.63 -2.12
N ASP A 4 -3.38 4.43 -3.37
CA ASP A 4 -3.34 3.11 -3.99
C ASP A 4 -1.95 2.49 -3.94
N ILE A 5 -0.93 3.30 -3.70
CA ILE A 5 0.44 2.82 -3.56
C ILE A 5 0.66 2.35 -2.12
N VAL A 6 0.04 3.02 -1.13
CA VAL A 6 0.14 2.61 0.26
C VAL A 6 -0.53 1.23 0.41
N LYS A 7 -1.54 0.95 -0.42
CA LYS A 7 -2.21 -0.34 -0.40
C LYS A 7 -1.30 -1.46 -0.86
N LYS A 8 -0.39 -1.17 -1.78
CA LYS A 8 0.59 -2.13 -2.25
C LYS A 8 1.65 -2.40 -1.17
N VAL A 9 1.88 -1.42 -0.28
CA VAL A 9 2.88 -1.56 0.77
C VAL A 9 2.30 -2.22 2.02
N LEU A 10 1.07 -1.86 2.41
CA LEU A 10 0.48 -2.46 3.60
C LEU A 10 0.18 -3.93 3.35
N LYS A 11 0.03 -4.32 2.07
CA LYS A 11 -0.16 -5.72 1.69
C LYS A 11 1.13 -6.51 1.88
N LEU A 12 2.28 -5.81 1.93
CA LEU A 12 3.57 -6.45 2.13
C LEU A 12 3.99 -6.36 3.60
N LEU A 13 3.61 -5.26 4.28
CA LEU A 13 3.92 -5.08 5.70
C LEU A 13 3.03 -5.94 6.59
N LYS A 14 1.83 -6.30 6.11
CA LYS A 14 0.88 -7.10 6.88
C LYS A 14 0.32 -8.26 6.06
N GLY A 1 -3.01 8.08 -7.43
CA GLY A 1 -3.19 8.49 -6.03
C GLY A 1 -2.30 7.67 -5.10
N LEU A 2 -1.69 8.33 -4.11
CA LEU A 2 -0.79 7.67 -3.17
C LEU A 2 -1.51 6.61 -2.35
N PHE A 3 -2.84 6.73 -2.19
CA PHE A 3 -3.61 5.74 -1.44
C PHE A 3 -3.69 4.36 -2.06
N ASP A 4 -3.33 4.23 -3.34
CA ASP A 4 -3.26 2.95 -4.02
C ASP A 4 -1.84 2.42 -3.91
N ILE A 5 -0.87 3.32 -3.77
CA ILE A 5 0.54 2.93 -3.62
C ILE A 5 0.80 2.47 -2.20
N VAL A 6 0.17 3.11 -1.20
CA VAL A 6 0.30 2.68 0.18
C VAL A 6 -0.39 1.33 0.34
N LYS A 7 -1.41 1.06 -0.47
CA LYS A 7 -2.14 -0.19 -0.38
C LYS A 7 -1.29 -1.36 -0.89
N LYS A 8 -0.33 -1.07 -1.77
CA LYS A 8 0.61 -2.07 -2.25
C LYS A 8 1.63 -2.40 -1.17
N VAL A 9 1.95 -1.41 -0.31
CA VAL A 9 2.93 -1.60 0.75
C VAL A 9 2.32 -2.22 1.99
N LEU A 10 1.10 -1.82 2.38
CA LEU A 10 0.49 -2.37 3.57
C LEU A 10 0.17 -3.85 3.37
N LYS A 11 -0.01 -4.28 2.11
CA LYS A 11 -0.27 -5.67 1.80
C LYS A 11 1.01 -6.50 1.93
N LEU A 12 2.17 -5.84 1.91
CA LEU A 12 3.46 -6.50 2.09
C LEU A 12 3.91 -6.43 3.54
N LEU A 13 3.58 -5.33 4.23
CA LEU A 13 3.93 -5.17 5.64
C LEU A 13 3.02 -6.01 6.54
N LYS A 14 1.76 -6.21 6.13
CA LYS A 14 0.79 -6.97 6.90
C LYS A 14 0.28 -8.18 6.12
N GLY A 1 -2.59 8.39 -7.49
CA GLY A 1 -2.81 8.73 -6.08
C GLY A 1 -1.99 7.83 -5.18
N LEU A 2 -1.36 8.41 -4.15
CA LEU A 2 -0.52 7.67 -3.22
C LEU A 2 -1.33 6.64 -2.44
N PHE A 3 -2.63 6.87 -2.27
CA PHE A 3 -3.48 5.94 -1.55
C PHE A 3 -3.63 4.55 -2.17
N ASP A 4 -3.30 4.43 -3.46
CA ASP A 4 -3.25 3.14 -4.14
C ASP A 4 -1.86 2.51 -4.11
N ILE A 5 -0.83 3.31 -3.82
CA ILE A 5 0.52 2.81 -3.66
C ILE A 5 0.70 2.30 -2.24
N VAL A 6 0.13 3.00 -1.26
CA VAL A 6 0.19 2.56 0.14
C VAL A 6 -0.61 1.26 0.26
N LYS A 7 -1.60 1.06 -0.61
CA LYS A 7 -2.42 -0.14 -0.57
C LYS A 7 -1.58 -1.37 -0.95
N LYS A 8 -0.50 -1.16 -1.71
CA LYS A 8 0.44 -2.23 -2.01
C LYS A 8 1.39 -2.45 -0.84
N VAL A 9 1.75 -1.37 -0.14
CA VAL A 9 2.71 -1.45 0.95
C VAL A 9 2.10 -2.09 2.19
N LEU A 10 0.84 -1.77 2.51
CA LEU A 10 0.19 -2.34 3.67
C LEU A 10 -0.02 -3.84 3.49
N LYS A 11 -0.04 -4.30 2.23
CA LYS A 11 -0.20 -5.70 1.90
C LYS A 11 1.13 -6.44 1.97
N LEU A 12 2.25 -5.70 1.94
CA LEU A 12 3.58 -6.29 2.07
C LEU A 12 4.04 -6.22 3.53
N LEU A 13 3.60 -5.21 4.28
CA LEU A 13 3.95 -5.06 5.69
C LEU A 13 3.21 -6.10 6.54
N LYS A 14 2.03 -6.56 6.10
CA LYS A 14 1.26 -7.55 6.82
C LYS A 14 0.80 -8.69 5.92
#